data_8I8H
#
_entry.id   8I8H
#
_cell.length_a   82.144
_cell.length_b   87.364
_cell.length_c   88.410
_cell.angle_alpha   90.00
_cell.angle_beta   90.00
_cell.angle_gamma   90.00
#
_symmetry.space_group_name_H-M   'P 21 21 21'
#
loop_
_entity.id
_entity.type
_entity.pdbx_description
1 polymer 'Viomycin kinase'
2 polymer KBE-DPP-SER-SER-UAL-5OH
3 non-polymer DI(HYDROXYETHYL)ETHER
4 non-polymer "ADENOSINE-5'-TRIPHOSPHATE"
5 water water
#
loop_
_entity_poly.entity_id
_entity_poly.type
_entity_poly.pdbx_seq_one_letter_code
_entity_poly.pdbx_strand_id
1 'polypeptide(L)'
;MGILQANRVLLSRLLPGVEPEGLTVRHGQFHQVVIASDRVVCLPRTAAAAARLPRRAAVMRVLAGLDLGCRTPRPLCEGS
AEGAVELPFLVLSRVPGAPLEADALEDSKVAEVVAAQYVTLLSGLASAGADEKVRAALPAPQGRWRQFAADVRAELFPLM
SDGGCRQAERELAALDSLPDITEAVVHGNLGAENVLWVRDDGLPRLSGVIDWDEVSIGDPAEDLAAIGAGYGKDFLDQVL
TLGGWSDRRMATRIATIRATFALQQALSACRDGDEEELADGLTGYR
;
B,A
2 'polypeptide(L)' (KBE)(DPP)SS(UAL)(5OH) D
#
loop_
_chem_comp.id
_chem_comp.type
_chem_comp.name
_chem_comp.formula
ATP non-polymer ADENOSINE-5'-TRIPHOSPHATE 'C10 H16 N5 O13 P3'
PEG non-polymer DI(HYDROXYETHYL)ETHER 'C4 H10 O3'
#
# COMPACT_ATOMS: atom_id res chain seq x y z
N GLY A 2 -24.04 13.98 14.95
CA GLY A 2 -22.67 13.47 15.18
C GLY A 2 -21.70 13.98 14.12
N ILE A 3 -20.54 13.32 14.02
CA ILE A 3 -19.49 13.71 13.08
C ILE A 3 -19.96 13.41 11.66
N LEU A 4 -20.64 12.26 11.47
CA LEU A 4 -21.09 11.80 10.17
C LEU A 4 -22.13 12.75 9.61
N GLN A 5 -23.02 13.21 10.50
CA GLN A 5 -24.07 14.15 10.15
C GLN A 5 -23.42 15.47 9.77
N ALA A 6 -22.60 16.01 10.69
CA ALA A 6 -22.05 17.35 10.51
C ALA A 6 -21.12 17.41 9.30
N ASN A 7 -20.63 16.26 8.83
CA ASN A 7 -19.66 16.25 7.70
C ASN A 7 -20.23 15.54 6.46
N ARG A 8 -21.56 15.47 6.33
CA ARG A 8 -22.22 14.74 5.22
C ARG A 8 -21.79 15.26 3.85
N VAL A 9 -21.70 16.58 3.68
CA VAL A 9 -21.42 17.15 2.33
C VAL A 9 -20.01 16.73 1.89
N LEU A 10 -19.03 16.93 2.75
CA LEU A 10 -17.67 16.57 2.39
C LEU A 10 -17.58 15.06 2.15
N LEU A 11 -18.26 14.24 2.97
CA LEU A 11 -18.23 12.79 2.80
C LEU A 11 -18.93 12.35 1.52
N SER A 12 -19.99 13.06 1.12
CA SER A 12 -20.66 12.77 -0.14
C SER A 12 -19.71 13.02 -1.31
N ARG A 13 -18.73 13.91 -1.14
CA ARG A 13 -17.76 14.15 -2.22
C ARG A 13 -16.72 13.03 -2.23
N LEU A 14 -16.24 12.62 -1.05
CA LEU A 14 -15.11 11.68 -0.95
C LEU A 14 -15.54 10.24 -1.16
N LEU A 15 -16.79 9.94 -0.84
CA LEU A 15 -17.35 8.61 -0.95
C LEU A 15 -18.68 8.76 -1.66
N PRO A 16 -18.69 9.12 -2.97
CA PRO A 16 -19.94 9.42 -3.67
C PRO A 16 -20.85 8.20 -3.74
N GLY A 17 -22.13 8.42 -3.40
CA GLY A 17 -23.13 7.37 -3.40
C GLY A 17 -23.08 6.50 -2.15
N VAL A 18 -22.15 6.77 -1.22
CA VAL A 18 -22.12 5.97 0.01
C VAL A 18 -23.03 6.62 1.05
N GLU A 19 -23.96 5.83 1.58
CA GLU A 19 -24.83 6.25 2.66
C GLU A 19 -23.92 6.50 3.88
N PRO A 20 -23.81 7.75 4.39
CA PRO A 20 -22.88 8.05 5.48
C PRO A 20 -23.25 7.46 6.85
N GLU A 21 -24.51 7.02 6.99
CA GLU A 21 -24.98 6.37 8.20
C GLU A 21 -24.41 4.95 8.29
N GLY A 22 -23.96 4.41 7.14
CA GLY A 22 -23.28 3.12 7.08
C GLY A 22 -21.80 3.15 7.50
N LEU A 23 -21.27 4.35 7.79
CA LEU A 23 -19.87 4.52 8.15
C LEU A 23 -19.75 4.49 9.68
N THR A 24 -18.53 4.23 10.18
CA THR A 24 -18.21 4.28 11.60
C THR A 24 -17.10 5.30 11.81
N VAL A 25 -16.95 5.71 13.06
CA VAL A 25 -15.96 6.77 13.41
C VAL A 25 -15.05 6.31 14.56
N ARG A 26 -13.74 6.44 14.38
CA ARG A 26 -12.80 6.17 15.50
C ARG A 26 -12.41 7.54 16.03
N HIS A 27 -12.38 7.71 17.36
CA HIS A 27 -12.07 9.03 17.95
C HIS A 27 -10.56 9.17 18.13
N GLY A 28 -9.99 10.25 17.61
CA GLY A 28 -8.58 10.55 17.78
C GLY A 28 -8.39 11.87 18.53
N GLN A 29 -7.19 12.05 19.09
CA GLN A 29 -6.85 13.25 19.83
C GLN A 29 -7.13 14.47 18.96
N PHE A 30 -6.61 14.47 17.72
CA PHE A 30 -6.60 15.63 16.84
C PHE A 30 -7.65 15.52 15.73
N HIS A 31 -7.85 14.30 15.21
CA HIS A 31 -8.80 14.07 14.15
C HIS A 31 -9.72 12.91 14.50
N GLN A 32 -10.95 13.04 13.99
CA GLN A 32 -11.92 11.96 13.96
C GLN A 32 -11.69 11.16 12.67
N VAL A 33 -11.77 9.83 12.74
CA VAL A 33 -11.47 8.99 11.59
C VAL A 33 -12.74 8.27 11.14
N VAL A 34 -13.16 8.58 9.91
CA VAL A 34 -14.37 8.00 9.36
C VAL A 34 -13.96 6.76 8.57
N ILE A 35 -14.58 5.63 8.91
CA ILE A 35 -14.18 4.34 8.38
C ILE A 35 -15.16 3.91 7.29
N ALA A 36 -14.66 3.79 6.05
CA ALA A 36 -15.45 3.27 4.94
C ALA A 36 -14.95 1.87 4.68
N SER A 37 -15.44 1.24 3.59
CA SER A 37 -15.14 -0.16 3.30
C SER A 37 -13.68 -0.37 2.86
N ASP A 38 -13.10 0.59 2.13
CA ASP A 38 -11.80 0.39 1.50
C ASP A 38 -10.79 1.45 1.95
N ARG A 39 -11.26 2.46 2.69
CA ARG A 39 -10.48 3.65 3.00
C ARG A 39 -11.01 4.28 4.26
N VAL A 40 -10.21 5.16 4.86
CA VAL A 40 -10.61 5.93 6.02
C VAL A 40 -10.33 7.41 5.73
N VAL A 41 -11.10 8.30 6.34
CA VAL A 41 -10.96 9.75 6.12
C VAL A 41 -10.69 10.44 7.44
N CYS A 42 -9.50 11.02 7.61
CA CYS A 42 -9.20 11.81 8.79
C CYS A 42 -9.78 13.23 8.66
N LEU A 43 -10.59 13.62 9.65
CA LEU A 43 -11.23 14.94 9.72
C LEU A 43 -10.67 15.73 10.90
N PRO A 44 -10.03 16.89 10.64
CA PRO A 44 -9.41 17.67 11.71
C PRO A 44 -10.48 18.22 12.64
N ARG A 45 -10.24 18.13 13.95
CA ARG A 45 -11.22 18.57 14.94
C ARG A 45 -11.08 20.07 15.19
N THR A 46 -9.91 20.64 14.83
CA THR A 46 -9.62 22.04 15.08
C THR A 46 -8.72 22.57 13.96
N ALA A 47 -8.49 23.89 13.96
CA ALA A 47 -7.54 24.49 13.05
C ALA A 47 -6.14 23.93 13.30
N ALA A 48 -5.74 23.71 14.55
CA ALA A 48 -4.45 23.09 14.83
C ALA A 48 -4.35 21.72 14.16
N ALA A 49 -5.43 20.95 14.26
CA ALA A 49 -5.44 19.57 13.81
C ALA A 49 -5.29 19.54 12.29
N ALA A 50 -5.90 20.52 11.62
CA ALA A 50 -5.85 20.61 10.15
C ALA A 50 -4.45 20.97 9.68
N ALA A 51 -3.73 21.75 10.48
CA ALA A 51 -2.36 22.18 10.13
C ALA A 51 -1.34 21.05 10.32
N ARG A 52 -1.73 19.98 11.01
CA ARG A 52 -0.83 18.83 11.27
C ARG A 52 -0.97 17.77 10.19
N LEU A 53 -2.05 17.81 9.41
CA LEU A 53 -2.31 16.76 8.38
C LEU A 53 -1.26 16.78 7.26
N PRO A 54 -0.71 17.92 6.80
CA PRO A 54 0.34 17.86 5.78
C PRO A 54 1.51 16.96 6.19
N ARG A 55 1.99 17.12 7.45
CA ARG A 55 3.04 16.32 8.01
C ARG A 55 2.56 14.87 8.23
N ARG A 56 1.31 14.67 8.63
CA ARG A 56 0.76 13.30 8.78
C ARG A 56 0.79 12.61 7.42
N ALA A 57 0.43 13.33 6.35
CA ALA A 57 0.53 12.80 5.00
C ALA A 57 1.95 12.27 4.73
N ALA A 58 2.95 13.10 5.02
CA ALA A 58 4.35 12.76 4.84
C ALA A 58 4.71 11.52 5.66
N VAL A 59 4.33 11.52 6.94
CA VAL A 59 4.62 10.42 7.84
C VAL A 59 4.06 9.10 7.31
N MET A 60 2.80 9.11 6.87
CA MET A 60 2.17 7.89 6.39
C MET A 60 2.83 7.42 5.10
N ARG A 61 3.30 8.35 4.26
CA ARG A 61 4.04 7.97 3.07
C ARG A 61 5.36 7.29 3.44
N VAL A 62 6.06 7.79 4.47
CA VAL A 62 7.31 7.19 4.89
C VAL A 62 7.07 5.77 5.39
N LEU A 63 5.96 5.56 6.11
CA LEU A 63 5.63 4.27 6.69
C LEU A 63 5.29 3.26 5.59
N ALA A 64 4.60 3.74 4.55
CA ALA A 64 4.18 2.91 3.43
C ALA A 64 5.38 2.41 2.63
N GLY A 65 6.54 3.04 2.83
CA GLY A 65 7.79 2.66 2.20
C GLY A 65 8.66 1.72 3.04
N LEU A 66 8.28 1.42 4.29
CA LEU A 66 9.15 0.59 5.12
C LEU A 66 8.90 -0.89 4.84
N ASP A 67 9.88 -1.73 5.20
CA ASP A 67 9.84 -3.17 4.96
C ASP A 67 9.42 -3.83 6.26
N LEU A 68 8.10 -3.99 6.46
CA LEU A 68 7.56 -4.42 7.74
C LEU A 68 6.98 -5.83 7.66
N GLY A 69 6.91 -6.37 6.44
CA GLY A 69 6.28 -7.65 6.21
C GLY A 69 4.75 -7.58 6.16
N CYS A 70 4.17 -6.37 6.18
CA CYS A 70 2.73 -6.21 6.22
C CYS A 70 2.34 -4.83 5.67
N ARG A 71 1.04 -4.55 5.67
CA ARG A 71 0.53 -3.28 5.17
C ARG A 71 0.41 -2.22 6.26
N THR A 72 0.36 -0.97 5.79
CA THR A 72 0.05 0.19 6.61
C THR A 72 -0.95 1.07 5.86
N PRO A 73 -1.63 2.03 6.52
CA PRO A 73 -2.55 2.93 5.81
C PRO A 73 -1.77 3.86 4.88
N ARG A 74 -1.97 3.62 3.59
CA ARG A 74 -1.30 4.37 2.54
C ARG A 74 -2.05 5.68 2.30
N PRO A 75 -1.35 6.83 2.27
CA PRO A 75 -2.03 8.10 1.95
C PRO A 75 -2.53 8.11 0.51
N LEU A 76 -3.82 8.45 0.35
CA LEU A 76 -4.44 8.55 -0.96
C LEU A 76 -4.51 10.00 -1.49
N CYS A 77 -3.77 10.93 -0.89
CA CYS A 77 -3.65 12.29 -1.38
C CYS A 77 -2.55 12.37 -2.45
N GLU A 78 -2.42 13.52 -3.12
CA GLU A 78 -1.27 13.82 -3.96
C GLU A 78 -0.10 14.34 -3.11
N GLY A 79 1.14 14.04 -3.53
CA GLY A 79 2.34 14.39 -2.77
C GLY A 79 2.41 15.87 -2.38
N SER A 80 1.84 16.73 -3.23
CA SER A 80 1.83 18.16 -3.00
C SER A 80 0.99 18.55 -1.78
N ALA A 81 0.12 17.66 -1.27
CA ALA A 81 -0.61 17.93 -0.02
C ALA A 81 0.36 18.11 1.17
N GLU A 82 1.57 17.54 1.07
CA GLU A 82 2.59 17.64 2.10
C GLU A 82 3.08 19.09 2.22
N GLY A 83 2.98 19.91 1.16
CA GLY A 83 3.50 21.28 1.21
C GLY A 83 2.48 22.36 1.61
N ALA A 84 1.23 21.93 1.87
CA ALA A 84 0.14 22.80 2.23
C ALA A 84 0.28 23.23 3.70
N VAL A 85 -0.30 24.41 4.01
CA VAL A 85 -0.38 24.92 5.39
C VAL A 85 -1.32 24.06 6.23
N GLU A 86 -2.32 23.48 5.59
CA GLU A 86 -3.48 22.95 6.28
C GLU A 86 -4.23 22.08 5.27
N LEU A 87 -4.79 20.95 5.72
CA LEU A 87 -5.69 20.15 4.90
C LEU A 87 -7.02 20.00 5.63
N PRO A 88 -8.18 20.05 4.94
CA PRO A 88 -9.48 19.80 5.58
C PRO A 88 -9.83 18.32 5.78
N PHE A 89 -9.03 17.43 5.19
CA PHE A 89 -9.20 15.99 5.37
C PHE A 89 -7.91 15.29 4.90
N LEU A 90 -7.75 14.02 5.29
CA LEU A 90 -6.74 13.15 4.72
C LEU A 90 -7.36 11.76 4.59
N VAL A 91 -7.29 11.21 3.38
CA VAL A 91 -7.81 9.88 3.08
C VAL A 91 -6.65 8.90 3.09
N LEU A 92 -6.87 7.72 3.69
CA LEU A 92 -5.88 6.66 3.82
C LEU A 92 -6.51 5.34 3.41
N SER A 93 -5.72 4.45 2.81
CA SER A 93 -6.21 3.11 2.55
C SER A 93 -6.52 2.44 3.88
N ARG A 94 -7.44 1.50 3.81
CA ARG A 94 -7.87 0.77 4.98
C ARG A 94 -7.20 -0.60 4.97
N VAL A 95 -6.53 -0.91 6.05
CA VAL A 95 -5.91 -2.21 6.21
C VAL A 95 -7.03 -3.22 6.46
N PRO A 96 -7.21 -4.26 5.62
CA PRO A 96 -8.17 -5.31 5.94
C PRO A 96 -7.68 -6.26 7.03
N GLY A 97 -8.63 -7.05 7.55
CA GLY A 97 -8.37 -8.05 8.56
C GLY A 97 -9.03 -7.71 9.89
N ALA A 98 -8.84 -8.57 10.90
CA ALA A 98 -9.45 -8.36 12.21
C ALA A 98 -8.44 -8.57 13.34
N PRO A 99 -8.68 -8.00 14.54
CA PRO A 99 -7.80 -8.26 15.67
C PRO A 99 -7.81 -9.75 16.04
N LEU A 100 -6.78 -10.20 16.75
CA LEU A 100 -6.64 -11.59 17.16
C LEU A 100 -6.97 -11.71 18.64
N GLU A 101 -7.87 -12.65 18.92
CA GLU A 101 -8.20 -12.99 20.32
C GLU A 101 -7.01 -13.75 20.91
N ALA A 102 -6.66 -13.44 22.16
CA ALA A 102 -5.55 -14.15 22.84
C ALA A 102 -5.84 -15.65 22.83
N ASP A 103 -7.12 -16.03 22.89
CA ASP A 103 -7.53 -17.45 22.87
C ASP A 103 -6.72 -18.24 21.87
N ALA A 104 -6.52 -17.69 20.67
CA ALA A 104 -5.83 -18.44 19.60
C ALA A 104 -4.42 -18.83 20.03
N LEU A 105 -3.79 -18.00 20.85
CA LEU A 105 -2.40 -18.26 21.22
C LEU A 105 -2.27 -19.44 22.18
N GLU A 106 -3.37 -20.12 22.50
CA GLU A 106 -3.31 -21.32 23.34
C GLU A 106 -2.90 -22.56 22.54
N ASP A 107 -3.19 -22.58 21.25
CA ASP A 107 -2.53 -23.52 20.35
C ASP A 107 -1.13 -22.98 20.10
N SER A 108 -0.11 -23.83 20.26
CA SER A 108 1.26 -23.38 20.35
C SER A 108 1.90 -23.17 18.98
N LYS A 109 1.35 -23.80 17.91
CA LYS A 109 1.80 -23.53 16.56
C LYS A 109 1.26 -22.18 16.09
N VAL A 110 0.02 -21.83 16.48
CA VAL A 110 -0.54 -20.52 16.17
C VAL A 110 0.38 -19.45 16.80
N ALA A 111 0.70 -19.66 18.08
CA ALA A 111 1.51 -18.76 18.88
C ALA A 111 2.87 -18.53 18.23
N GLU A 112 3.52 -19.61 17.79
CA GLU A 112 4.84 -19.53 17.14
C GLU A 112 4.76 -18.69 15.86
N VAL A 113 3.68 -18.89 15.10
CA VAL A 113 3.58 -18.28 13.80
C VAL A 113 3.20 -16.81 13.98
N VAL A 114 2.40 -16.50 15.00
CA VAL A 114 2.03 -15.13 15.28
C VAL A 114 3.20 -14.36 15.89
N ALA A 115 3.96 -14.99 16.80
CA ALA A 115 5.15 -14.36 17.33
C ALA A 115 6.13 -14.06 16.20
N ALA A 116 6.33 -15.01 15.24
CA ALA A 116 7.32 -14.80 14.20
C ALA A 116 6.96 -13.55 13.37
N GLN A 117 5.67 -13.35 13.12
CA GLN A 117 5.23 -12.20 12.33
C GLN A 117 5.30 -10.86 13.09
N TYR A 118 5.08 -10.87 14.41
CA TYR A 118 5.35 -9.70 15.23
C TYR A 118 6.84 -9.36 15.15
N VAL A 119 7.70 -10.37 15.06
CA VAL A 119 9.12 -10.10 15.07
C VAL A 119 9.53 -9.41 13.78
N THR A 120 9.08 -9.92 12.62
CA THR A 120 9.35 -9.28 11.35
C THR A 120 8.93 -7.79 11.41
N LEU A 121 7.72 -7.49 11.91
CA LEU A 121 7.21 -6.13 12.04
C LEU A 121 8.14 -5.26 12.90
N LEU A 122 8.44 -5.73 14.10
CA LEU A 122 9.24 -4.99 15.06
C LEU A 122 10.68 -4.85 14.57
N SER A 123 11.20 -5.90 13.91
CA SER A 123 12.55 -5.83 13.35
C SER A 123 12.65 -4.77 12.26
N GLY A 124 11.66 -4.77 11.34
CA GLY A 124 11.53 -3.70 10.36
C GLY A 124 11.41 -2.31 10.98
N LEU A 125 10.59 -2.15 12.03
CA LEU A 125 10.45 -0.85 12.70
C LEU A 125 11.79 -0.44 13.32
N ALA A 126 12.50 -1.43 13.89
CA ALA A 126 13.79 -1.18 14.53
C ALA A 126 14.83 -0.70 13.52
N SER A 127 14.99 -1.41 12.39
CA SER A 127 16.00 -1.01 11.43
C SER A 127 15.64 0.33 10.79
N ALA A 128 14.33 0.61 10.62
CA ALA A 128 13.93 1.90 10.06
C ALA A 128 14.34 3.05 10.98
N GLY A 129 14.44 2.76 12.27
CA GLY A 129 14.78 3.78 13.25
C GLY A 129 16.27 4.12 13.24
N ALA A 130 17.08 3.27 12.57
CA ALA A 130 18.51 3.53 12.42
C ALA A 130 18.78 4.32 11.13
N ASP A 131 17.73 4.62 10.36
CA ASP A 131 17.87 5.24 9.06
C ASP A 131 17.68 6.74 9.25
N GLU A 132 18.69 7.54 8.85
CA GLU A 132 18.75 8.99 9.04
C GLU A 132 17.59 9.71 8.34
N LYS A 133 17.09 9.22 7.19
CA LYS A 133 15.97 9.88 6.50
C LYS A 133 14.61 9.61 7.16
N VAL A 134 14.39 8.40 7.73
CA VAL A 134 13.19 8.14 8.52
C VAL A 134 13.21 9.00 9.78
N ARG A 135 14.41 9.03 10.42
CA ARG A 135 14.63 9.75 11.66
C ARG A 135 14.25 11.21 11.45
N ALA A 136 14.61 11.77 10.30
CA ALA A 136 14.34 13.17 10.04
C ALA A 136 12.85 13.44 9.80
N ALA A 137 12.06 12.44 9.37
CA ALA A 137 10.67 12.70 9.02
C ALA A 137 9.68 12.43 10.15
N LEU A 138 10.12 11.76 11.23
CA LEU A 138 9.26 11.39 12.34
C LEU A 138 9.59 12.25 13.56
N PRO A 139 8.61 12.46 14.48
CA PRO A 139 8.89 13.14 15.75
C PRO A 139 9.74 12.30 16.71
N ALA A 140 10.59 12.97 17.46
CA ALA A 140 11.43 12.29 18.43
C ALA A 140 11.51 13.12 19.71
N PRO A 141 10.40 13.30 20.47
CA PRO A 141 10.43 14.11 21.70
C PRO A 141 11.45 13.56 22.70
N GLN A 142 12.06 14.46 23.48
CA GLN A 142 12.96 14.10 24.56
C GLN A 142 12.20 14.22 25.88
N GLY A 143 12.60 13.40 26.87
CA GLY A 143 12.06 13.42 28.21
C GLY A 143 10.59 13.00 28.25
N ARG A 144 10.19 12.08 27.36
CA ARG A 144 8.77 11.81 27.18
C ARG A 144 8.19 11.09 28.41
N TRP A 145 9.02 10.32 29.14
CA TRP A 145 8.50 9.55 30.26
C TRP A 145 8.19 10.46 31.44
N ARG A 146 9.10 11.42 31.69
CA ARG A 146 8.96 12.44 32.72
C ARG A 146 7.68 13.23 32.49
N GLN A 147 7.52 13.67 31.24
CA GLN A 147 6.39 14.48 30.81
C GLN A 147 5.09 13.69 30.82
N PHE A 148 5.15 12.43 30.37
CA PHE A 148 3.96 11.58 30.43
C PHE A 148 3.48 11.47 31.88
N ALA A 149 4.41 11.28 32.82
CA ALA A 149 4.07 11.15 34.24
C ALA A 149 3.36 12.40 34.73
N ALA A 150 3.88 13.56 34.34
CA ALA A 150 3.23 14.83 34.59
C ALA A 150 1.82 14.88 34.00
N ASP A 151 1.66 14.39 32.76
CA ASP A 151 0.38 14.47 32.08
C ASP A 151 -0.66 13.59 32.75
N VAL A 152 -0.24 12.39 33.21
CA VAL A 152 -1.11 11.52 33.99
C VAL A 152 -1.57 12.24 35.27
N ARG A 153 -0.62 12.75 36.05
CA ARG A 153 -0.93 13.43 37.30
C ARG A 153 -1.86 14.62 37.03
N ALA A 154 -1.60 15.39 35.96
CA ALA A 154 -2.44 16.55 35.67
C ALA A 154 -3.82 16.16 35.14
N GLU A 155 -3.94 15.12 34.28
CA GLU A 155 -5.20 14.91 33.57
C GLU A 155 -6.02 13.74 34.12
N LEU A 156 -5.37 12.74 34.73
CA LEU A 156 -6.08 11.51 35.10
C LEU A 156 -6.33 11.41 36.61
N PHE A 157 -5.39 11.90 37.44
CA PHE A 157 -5.53 11.80 38.88
C PHE A 157 -6.87 12.41 39.35
N PRO A 158 -7.26 13.60 38.86
CA PRO A 158 -8.59 14.14 39.16
C PRO A 158 -9.75 13.18 38.91
N LEU A 159 -9.53 12.12 38.11
CA LEU A 159 -10.58 11.18 37.78
C LEU A 159 -10.47 9.91 38.62
N MET A 160 -9.48 9.88 39.52
CA MET A 160 -9.10 8.68 40.24
C MET A 160 -9.49 8.79 41.71
N SER A 161 -9.65 7.63 42.34
CA SER A 161 -9.69 7.52 43.79
C SER A 161 -8.28 7.69 44.38
N ASP A 162 -8.23 7.88 45.71
CA ASP A 162 -6.98 8.04 46.44
C ASP A 162 -6.13 6.78 46.29
N GLY A 163 -6.76 5.60 46.40
CA GLY A 163 -6.12 4.32 46.10
C GLY A 163 -5.54 4.27 44.67
N GLY A 164 -6.37 4.63 43.68
CA GLY A 164 -5.94 4.68 42.29
C GLY A 164 -4.69 5.52 42.06
N CYS A 165 -4.70 6.71 42.69
CA CYS A 165 -3.59 7.64 42.63
C CYS A 165 -2.32 7.06 43.25
N ARG A 166 -2.46 6.33 44.36
CA ARG A 166 -1.33 5.70 45.00
C ARG A 166 -0.79 4.61 44.09
N GLN A 167 -1.67 3.80 43.49
CA GLN A 167 -1.22 2.79 42.53
C GLN A 167 -0.48 3.38 41.33
N ALA A 168 -1.05 4.44 40.74
CA ALA A 168 -0.42 5.15 39.64
C ALA A 168 0.95 5.68 40.04
N GLU A 169 1.08 6.18 41.28
CA GLU A 169 2.36 6.74 41.71
C GLU A 169 3.42 5.64 41.73
N ARG A 170 3.05 4.44 42.21
CA ARG A 170 3.94 3.29 42.18
C ARG A 170 4.49 3.09 40.77
N GLU A 171 3.59 3.10 39.78
CA GLU A 171 3.92 2.78 38.39
C GLU A 171 4.70 3.93 37.74
N LEU A 172 4.35 5.17 38.10
CA LEU A 172 5.03 6.34 37.59
C LEU A 172 6.39 6.51 38.26
N ALA A 173 6.67 5.75 39.34
CA ALA A 173 7.89 5.88 40.13
C ALA A 173 9.14 5.68 39.25
N ALA A 174 9.17 4.53 38.57
CA ALA A 174 10.36 4.10 37.88
C ALA A 174 10.57 4.90 36.60
N LEU A 175 9.59 5.70 36.16
CA LEU A 175 9.71 6.32 34.84
C LEU A 175 10.89 7.29 34.77
N ASP A 176 11.20 8.01 35.85
CA ASP A 176 12.22 9.05 35.76
C ASP A 176 13.60 8.41 35.61
N SER A 177 13.73 7.15 36.00
CA SER A 177 14.99 6.44 35.90
C SER A 177 15.09 5.67 34.56
N LEU A 178 14.04 5.61 33.74
CA LEU A 178 14.16 4.88 32.49
C LEU A 178 15.19 5.57 31.62
N PRO A 179 16.11 4.86 30.93
CA PRO A 179 16.93 5.51 29.92
C PRO A 179 16.01 5.99 28.79
N ASP A 180 16.41 7.11 28.18
CA ASP A 180 15.60 7.79 27.17
C ASP A 180 16.14 7.41 25.79
N ILE A 181 15.50 6.37 25.20
CA ILE A 181 16.00 5.64 24.04
C ILE A 181 15.26 6.13 22.80
N THR A 182 16.00 6.57 21.78
CA THR A 182 15.42 7.02 20.52
C THR A 182 16.05 6.26 19.36
N GLU A 183 15.75 4.96 19.25
CA GLU A 183 16.48 4.04 18.37
C GLU A 183 15.58 3.31 17.36
N ALA A 184 14.26 3.24 17.60
CA ALA A 184 13.38 2.46 16.75
C ALA A 184 12.25 3.36 16.27
N VAL A 185 11.61 3.01 15.14
CA VAL A 185 10.28 3.52 14.88
C VAL A 185 9.35 2.79 15.83
N VAL A 186 8.56 3.57 16.58
CA VAL A 186 7.73 3.04 17.67
C VAL A 186 6.29 3.46 17.40
N HIS A 187 5.44 2.46 17.19
CA HIS A 187 4.05 2.70 16.85
C HIS A 187 3.41 3.52 17.96
N GLY A 188 3.53 2.99 19.18
CA GLY A 188 3.16 3.77 20.36
C GLY A 188 1.78 3.45 20.88
N ASN A 189 1.05 2.58 20.18
CA ASN A 189 -0.24 2.11 20.68
C ASN A 189 -0.52 0.76 20.06
N LEU A 190 0.44 -0.16 20.19
CA LEU A 190 0.41 -1.44 19.49
C LEU A 190 -0.36 -2.49 20.26
N GLY A 191 -1.53 -2.12 20.77
CA GLY A 191 -2.46 -3.11 21.31
C GLY A 191 -3.05 -3.97 20.20
N ALA A 192 -3.70 -5.06 20.62
CA ALA A 192 -4.15 -6.08 19.69
C ALA A 192 -5.19 -5.54 18.70
N GLU A 193 -5.92 -4.48 19.08
CA GLU A 193 -6.97 -3.94 18.25
C GLU A 193 -6.37 -3.21 17.02
N ASN A 194 -5.06 -2.86 17.04
CA ASN A 194 -4.42 -2.17 15.92
C ASN A 194 -3.57 -3.08 15.05
N VAL A 195 -3.58 -4.39 15.34
CA VAL A 195 -2.83 -5.36 14.57
C VAL A 195 -3.87 -6.31 13.99
N LEU A 196 -3.93 -6.36 12.66
CA LEU A 196 -5.03 -6.99 11.96
C LEU A 196 -4.48 -8.22 11.23
N TRP A 197 -5.30 -9.28 11.24
CA TRP A 197 -4.94 -10.62 10.79
C TRP A 197 -6.00 -11.07 9.77
N VAL A 198 -5.56 -11.91 8.83
CA VAL A 198 -6.49 -12.64 7.92
C VAL A 198 -6.35 -14.09 8.40
N ARG A 199 -7.38 -14.69 8.95
CA ARG A 199 -7.26 -16.05 9.53
C ARG A 199 -8.09 -17.04 8.70
N ASP A 200 -8.75 -16.55 7.67
CA ASP A 200 -9.68 -17.45 6.93
C ASP A 200 -8.86 -18.61 6.36
N ASP A 201 -7.94 -18.30 5.47
CA ASP A 201 -7.15 -19.39 4.84
C ASP A 201 -6.04 -19.83 5.78
N GLY A 202 -6.31 -20.75 6.71
CA GLY A 202 -5.23 -21.34 7.53
C GLY A 202 -4.85 -20.65 8.82
N LEU A 203 -3.56 -20.68 9.14
CA LEU A 203 -3.08 -20.06 10.39
C LEU A 203 -3.09 -18.53 10.25
N PRO A 204 -3.23 -17.78 11.38
CA PRO A 204 -3.31 -16.32 11.33
C PRO A 204 -2.14 -15.68 10.58
N ARG A 205 -2.46 -14.85 9.60
CA ARG A 205 -1.42 -14.18 8.79
C ARG A 205 -1.55 -12.68 9.00
N LEU A 206 -0.44 -12.00 9.25
CA LEU A 206 -0.48 -10.55 9.54
C LEU A 206 -0.85 -9.77 8.29
N SER A 207 -2.04 -9.18 8.29
CA SER A 207 -2.48 -8.31 7.23
C SER A 207 -1.76 -6.96 7.37
N GLY A 208 -1.88 -6.35 8.55
CA GLY A 208 -1.30 -5.04 8.75
C GLY A 208 -1.61 -4.40 10.09
N VAL A 209 -1.18 -3.13 10.16
CA VAL A 209 -1.18 -2.36 11.38
C VAL A 209 -1.83 -1.00 11.12
N ILE A 210 -2.68 -0.60 12.06
CA ILE A 210 -3.44 0.67 11.91
C ILE A 210 -3.22 1.64 13.08
N ASP A 211 -3.83 2.82 13.02
CA ASP A 211 -3.77 3.85 14.11
C ASP A 211 -2.32 4.19 14.46
N TRP A 212 -1.68 4.98 13.59
CA TRP A 212 -0.26 5.35 13.78
C TRP A 212 -0.17 6.76 14.35
N ASP A 213 -1.25 7.23 14.99
CA ASP A 213 -1.31 8.60 15.53
C ASP A 213 -0.15 8.90 16.49
N GLU A 214 0.33 7.91 17.25
CA GLU A 214 1.36 8.20 18.24
C GLU A 214 2.79 7.85 17.78
N VAL A 215 2.98 7.58 16.49
CA VAL A 215 4.27 7.09 15.99
C VAL A 215 5.38 8.11 16.24
N SER A 216 6.56 7.56 16.54
CA SER A 216 7.74 8.38 16.78
C SER A 216 9.00 7.55 16.56
N ILE A 217 10.16 8.21 16.64
CA ILE A 217 11.42 7.56 16.93
C ILE A 217 11.52 7.48 18.46
N GLY A 218 11.68 6.27 19.00
CA GLY A 218 11.70 6.04 20.43
C GLY A 218 12.21 4.66 20.82
N ASP A 219 11.63 4.16 21.90
CA ASP A 219 12.13 2.96 22.56
C ASP A 219 11.28 1.78 22.11
N PRO A 220 11.89 0.75 21.48
CA PRO A 220 11.15 -0.47 21.11
C PRO A 220 10.42 -1.16 22.28
N ALA A 221 10.87 -0.90 23.54
CA ALA A 221 10.26 -1.50 24.71
C ALA A 221 8.80 -1.07 24.88
N GLU A 222 8.43 0.09 24.30
CA GLU A 222 7.09 0.65 24.35
C GLU A 222 6.12 -0.25 23.58
N ASP A 223 6.58 -0.75 22.42
CA ASP A 223 5.75 -1.59 21.58
C ASP A 223 5.68 -3.00 22.18
N LEU A 224 6.79 -3.51 22.73
CA LEU A 224 6.79 -4.86 23.31
C LEU A 224 5.95 -4.89 24.58
N ALA A 225 6.00 -3.78 25.34
CA ALA A 225 5.16 -3.59 26.51
C ALA A 225 3.68 -3.74 26.17
N ALA A 226 3.26 -3.11 25.05
CA ALA A 226 1.90 -3.19 24.57
C ALA A 226 1.50 -4.64 24.35
N ILE A 227 2.38 -5.41 23.69
CA ILE A 227 2.14 -6.83 23.37
C ILE A 227 1.95 -7.65 24.65
N GLY A 228 2.91 -7.52 25.57
CA GLY A 228 2.85 -8.09 26.91
C GLY A 228 1.59 -7.70 27.68
N ALA A 229 1.21 -6.42 27.64
CA ALA A 229 -0.02 -5.97 28.29
C ALA A 229 -1.22 -6.74 27.77
N GLY A 230 -1.27 -6.96 26.44
CA GLY A 230 -2.39 -7.63 25.79
C GLY A 230 -2.35 -9.16 25.91
N TYR A 231 -1.16 -9.77 25.81
CA TYR A 231 -1.08 -11.21 25.63
C TYR A 231 -0.37 -11.92 26.77
N GLY A 232 0.28 -11.19 27.68
CA GLY A 232 0.86 -11.82 28.85
C GLY A 232 2.28 -12.30 28.57
N LYS A 233 2.90 -12.78 29.66
CA LYS A 233 4.32 -13.01 29.81
C LYS A 233 4.86 -14.00 28.77
N ASP A 234 4.23 -15.18 28.67
CA ASP A 234 4.72 -16.28 27.88
C ASP A 234 4.78 -15.93 26.41
N PHE A 235 3.73 -15.27 25.90
CA PHE A 235 3.72 -14.87 24.52
C PHE A 235 4.80 -13.80 24.28
N LEU A 236 4.91 -12.84 25.20
CA LEU A 236 5.94 -11.83 25.08
C LEU A 236 7.34 -12.47 25.00
N ASP A 237 7.60 -13.51 25.80
CA ASP A 237 8.90 -14.13 25.94
C ASP A 237 9.27 -14.82 24.64
N GLN A 238 8.26 -15.39 23.98
CA GLN A 238 8.45 -15.99 22.68
C GLN A 238 8.82 -14.93 21.62
N VAL A 239 8.18 -13.75 21.66
CA VAL A 239 8.58 -12.66 20.76
C VAL A 239 10.02 -12.20 21.06
N LEU A 240 10.37 -12.03 22.34
CA LEU A 240 11.69 -11.53 22.71
C LEU A 240 12.79 -12.51 22.32
N THR A 241 12.64 -13.80 22.67
CA THR A 241 13.52 -14.86 22.20
C THR A 241 13.71 -14.81 20.67
N LEU A 242 12.62 -14.83 19.91
CA LEU A 242 12.70 -14.92 18.46
C LEU A 242 13.31 -13.65 17.88
N GLY A 243 13.06 -12.49 18.51
CA GLY A 243 13.59 -11.25 17.98
C GLY A 243 15.03 -10.96 18.43
N GLY A 244 15.56 -11.72 19.39
CA GLY A 244 16.84 -11.41 20.02
C GLY A 244 16.77 -10.26 21.04
N TRP A 245 15.65 -10.16 21.77
CA TRP A 245 15.47 -9.00 22.64
C TRP A 245 15.27 -9.43 24.09
N SER A 246 15.66 -10.66 24.48
CA SER A 246 15.34 -11.19 25.79
C SER A 246 16.38 -10.78 26.85
N ASP A 247 17.30 -9.86 26.54
CA ASP A 247 18.25 -9.39 27.55
C ASP A 247 17.54 -8.71 28.72
N ARG A 248 18.30 -8.59 29.83
CA ARG A 248 17.81 -8.11 31.10
C ARG A 248 17.48 -6.62 31.04
N ARG A 249 18.31 -5.84 30.35
CA ARG A 249 18.07 -4.42 30.19
C ARG A 249 16.74 -4.14 29.49
N MET A 250 16.55 -4.74 28.32
CA MET A 250 15.32 -4.59 27.55
C MET A 250 14.12 -5.05 28.38
N ALA A 251 14.25 -6.24 28.99
CA ALA A 251 13.15 -6.84 29.72
C ALA A 251 12.70 -5.99 30.91
N THR A 252 13.65 -5.27 31.54
CA THR A 252 13.35 -4.45 32.71
C THR A 252 12.65 -3.19 32.23
N ARG A 253 13.06 -2.63 31.07
CA ARG A 253 12.39 -1.44 30.55
C ARG A 253 10.96 -1.79 30.17
N ILE A 254 10.77 -3.01 29.60
CA ILE A 254 9.44 -3.45 29.18
C ILE A 254 8.55 -3.55 30.41
N ALA A 255 9.06 -4.15 31.48
CA ALA A 255 8.26 -4.35 32.69
C ALA A 255 7.82 -3.00 33.23
N THR A 256 8.74 -2.04 33.25
CA THR A 256 8.44 -0.71 33.74
C THR A 256 7.36 -0.03 32.89
N ILE A 257 7.52 -0.10 31.56
CA ILE A 257 6.56 0.55 30.67
C ILE A 257 5.22 -0.17 30.71
N ARG A 258 5.26 -1.51 30.76
CA ARG A 258 4.03 -2.30 30.75
C ARG A 258 3.13 -1.89 31.92
N ALA A 259 3.72 -1.55 33.07
CA ALA A 259 2.97 -1.19 34.26
C ALA A 259 2.26 0.17 34.10
N THR A 260 2.60 0.93 33.05
CA THR A 260 1.94 2.20 32.77
C THR A 260 0.98 2.09 31.60
N PHE A 261 0.75 0.89 31.05
CA PHE A 261 0.15 0.81 29.71
C PHE A 261 -1.35 1.13 29.80
N ALA A 262 -2.03 0.67 30.85
CA ALA A 262 -3.42 1.06 31.03
C ALA A 262 -3.55 2.58 31.21
N LEU A 263 -2.59 3.22 31.89
CA LEU A 263 -2.60 4.67 32.07
C LEU A 263 -2.41 5.38 30.72
N GLN A 264 -1.57 4.81 29.82
CA GLN A 264 -1.42 5.35 28.47
C GLN A 264 -2.75 5.32 27.72
N GLN A 265 -3.47 4.21 27.86
CA GLN A 265 -4.76 4.06 27.19
C GLN A 265 -5.76 5.06 27.80
N ALA A 266 -5.80 5.20 29.13
CA ALA A 266 -6.71 6.14 29.77
C ALA A 266 -6.37 7.58 29.37
N LEU A 267 -5.07 7.92 29.28
CA LEU A 267 -4.68 9.28 28.93
C LEU A 267 -5.14 9.62 27.50
N SER A 268 -4.98 8.67 26.56
CA SER A 268 -5.41 8.86 25.19
C SER A 268 -6.94 8.99 25.10
N ALA A 269 -7.67 8.13 25.81
CA ALA A 269 -9.12 8.15 25.77
C ALA A 269 -9.66 9.47 26.32
N CYS A 270 -8.92 10.05 27.26
CA CYS A 270 -9.30 11.26 27.97
C CYS A 270 -9.18 12.46 27.04
N ARG A 271 -8.14 12.46 26.22
CA ARG A 271 -7.86 13.54 25.28
C ARG A 271 -8.64 13.42 23.98
N ASP A 272 -9.14 12.22 23.66
CA ASP A 272 -9.86 12.01 22.41
C ASP A 272 -11.36 11.81 22.64
N GLY A 273 -11.84 11.87 23.89
CA GLY A 273 -13.27 11.90 24.17
C GLY A 273 -13.96 10.53 24.16
N ASP A 274 -13.19 9.42 24.16
CA ASP A 274 -13.78 8.09 24.07
C ASP A 274 -14.10 7.56 25.47
N GLU A 275 -15.38 7.59 25.84
CA GLU A 275 -15.84 7.36 27.20
C GLU A 275 -15.59 5.92 27.64
N GLU A 276 -15.83 4.97 26.74
CA GLU A 276 -15.71 3.56 27.06
C GLU A 276 -14.24 3.23 27.30
N GLU A 277 -13.36 3.75 26.45
CA GLU A 277 -11.93 3.49 26.53
C GLU A 277 -11.33 4.16 27.77
N LEU A 278 -11.95 5.25 28.24
CA LEU A 278 -11.50 5.91 29.45
C LEU A 278 -11.89 5.05 30.65
N ALA A 279 -13.10 4.46 30.61
CA ALA A 279 -13.62 3.65 31.72
C ALA A 279 -12.79 2.38 31.88
N ASP A 280 -12.50 1.72 30.76
CA ASP A 280 -11.63 0.55 30.69
C ASP A 280 -10.23 0.84 31.23
N GLY A 281 -9.62 1.89 30.70
CA GLY A 281 -8.27 2.27 31.07
C GLY A 281 -8.15 2.59 32.56
N LEU A 282 -9.23 3.16 33.13
CA LEU A 282 -9.21 3.58 34.53
C LEU A 282 -9.70 2.44 35.43
N THR A 283 -9.93 1.24 34.86
CA THR A 283 -10.27 0.09 35.67
C THR A 283 -9.24 -0.11 36.79
N GLY A 284 -9.73 -0.07 38.03
CA GLY A 284 -8.91 -0.33 39.19
C GLY A 284 -8.20 0.94 39.68
N TYR A 285 -8.47 2.08 39.05
CA TYR A 285 -7.86 3.32 39.52
C TYR A 285 -8.93 4.25 40.09
N ARG A 286 -10.18 3.78 40.18
CA ARG A 286 -11.26 4.57 40.78
C ARG A 286 -12.35 3.68 41.38
N MET B 1 3.15 -33.72 -11.03
CA MET B 1 2.70 -32.84 -9.91
C MET B 1 2.32 -31.47 -10.47
N GLY B 2 1.42 -30.76 -9.79
CA GLY B 2 1.08 -29.39 -10.16
C GLY B 2 2.15 -28.39 -9.74
N ILE B 3 1.97 -27.11 -10.10
CA ILE B 3 2.85 -26.03 -9.65
C ILE B 3 2.69 -25.90 -8.13
N LEU B 4 1.44 -26.10 -7.68
CA LEU B 4 1.05 -26.01 -6.28
C LEU B 4 1.74 -27.10 -5.44
N GLN B 5 1.61 -28.37 -5.85
CA GLN B 5 2.32 -29.48 -5.20
C GLN B 5 3.84 -29.25 -5.27
N ALA B 6 4.35 -28.81 -6.42
CA ALA B 6 5.78 -28.70 -6.63
C ALA B 6 6.41 -27.66 -5.71
N ASN B 7 5.64 -26.63 -5.33
CA ASN B 7 6.21 -25.47 -4.64
C ASN B 7 5.83 -25.48 -3.15
N ARG B 8 5.48 -26.66 -2.64
CA ARG B 8 4.64 -26.76 -1.46
C ARG B 8 5.43 -26.48 -0.16
N VAL B 9 6.74 -26.72 -0.17
CA VAL B 9 7.55 -26.41 0.98
C VAL B 9 7.47 -24.90 1.21
N LEU B 10 7.66 -24.14 0.13
CA LEU B 10 7.72 -22.70 0.21
C LEU B 10 6.35 -22.14 0.61
N LEU B 11 5.29 -22.71 0.02
CA LEU B 11 3.95 -22.30 0.34
C LEU B 11 3.58 -22.54 1.82
N SER B 12 3.97 -23.67 2.43
CA SER B 12 3.61 -23.87 3.84
C SER B 12 4.38 -22.89 4.75
N ARG B 13 5.50 -22.39 4.25
CA ARG B 13 6.27 -21.38 5.02
C ARG B 13 5.57 -20.03 4.86
N LEU B 14 5.23 -19.68 3.63
CA LEU B 14 4.64 -18.37 3.35
C LEU B 14 3.17 -18.29 3.74
N LEU B 15 2.45 -19.41 3.64
CA LEU B 15 1.02 -19.46 3.86
C LEU B 15 0.73 -20.60 4.84
N PRO B 16 1.16 -20.46 6.12
CA PRO B 16 1.08 -21.56 7.07
C PRO B 16 -0.35 -22.01 7.16
N GLY B 17 -0.56 -23.33 6.99
CA GLY B 17 -1.87 -23.93 7.18
C GLY B 17 -2.83 -23.77 5.99
N VAL B 18 -2.39 -23.12 4.88
CA VAL B 18 -3.26 -22.93 3.72
C VAL B 18 -3.12 -24.16 2.82
N GLU B 19 -4.26 -24.80 2.50
CA GLU B 19 -4.30 -25.93 1.58
C GLU B 19 -3.87 -25.46 0.19
N PRO B 20 -2.71 -25.93 -0.34
CA PRO B 20 -2.23 -25.51 -1.65
C PRO B 20 -3.20 -25.79 -2.80
N GLU B 21 -3.92 -26.90 -2.73
CA GLU B 21 -4.83 -27.31 -3.79
C GLU B 21 -6.04 -26.40 -3.85
N GLY B 22 -6.17 -25.49 -2.88
CA GLY B 22 -7.27 -24.55 -2.83
C GLY B 22 -6.90 -23.19 -3.45
N LEU B 23 -5.61 -23.03 -3.73
CA LEU B 23 -5.11 -21.78 -4.32
C LEU B 23 -5.27 -21.83 -5.83
N THR B 24 -4.92 -20.73 -6.50
CA THR B 24 -4.99 -20.66 -7.97
C THR B 24 -3.67 -20.06 -8.45
N VAL B 25 -3.23 -20.43 -9.64
CA VAL B 25 -1.93 -19.93 -10.16
C VAL B 25 -2.19 -19.26 -11.50
N ARG B 26 -1.92 -17.97 -11.57
CA ARG B 26 -2.03 -17.28 -12.87
C ARG B 26 -0.63 -17.25 -13.43
N HIS B 27 -0.53 -17.24 -14.76
CA HIS B 27 0.79 -17.24 -15.42
C HIS B 27 0.95 -15.91 -16.13
N GLY B 28 2.19 -15.53 -16.40
CA GLY B 28 2.43 -14.29 -17.17
C GLY B 28 3.58 -14.53 -18.12
N GLN B 29 4.19 -13.45 -18.61
CA GLN B 29 5.35 -13.60 -19.47
C GLN B 29 6.57 -14.11 -18.69
N PHE B 30 6.75 -13.68 -17.43
CA PHE B 30 7.99 -13.95 -16.70
C PHE B 30 7.74 -14.74 -15.40
N HIS B 31 6.51 -14.70 -14.86
CA HIS B 31 6.25 -15.11 -13.50
C HIS B 31 5.02 -16.02 -13.39
N GLN B 32 5.19 -17.15 -12.67
CA GLN B 32 4.07 -17.90 -12.12
C GLN B 32 3.66 -17.25 -10.81
N VAL B 33 2.38 -16.89 -10.71
CA VAL B 33 1.87 -16.09 -9.60
C VAL B 33 0.85 -16.92 -8.82
N VAL B 34 1.20 -17.34 -7.60
CA VAL B 34 0.24 -18.07 -6.78
C VAL B 34 -0.66 -17.08 -6.07
N ILE B 35 -1.97 -17.32 -6.13
CA ILE B 35 -2.97 -16.38 -5.67
C ILE B 35 -3.61 -16.91 -4.38
N ALA B 36 -3.30 -16.22 -3.27
CA ALA B 36 -3.89 -16.49 -1.98
C ALA B 36 -4.88 -15.37 -1.66
N SER B 37 -5.52 -15.40 -0.47
CA SER B 37 -6.68 -14.57 -0.22
C SER B 37 -6.28 -13.08 -0.19
N ASP B 38 -5.06 -12.78 0.23
CA ASP B 38 -4.69 -11.40 0.45
C ASP B 38 -3.29 -11.09 -0.09
N ARG B 39 -2.65 -12.07 -0.73
CA ARG B 39 -1.32 -11.86 -1.25
C ARG B 39 -1.10 -12.85 -2.37
N VAL B 40 -0.05 -12.56 -3.14
CA VAL B 40 0.39 -13.44 -4.21
C VAL B 40 1.87 -13.77 -3.99
N VAL B 41 2.25 -14.95 -4.47
CA VAL B 41 3.65 -15.34 -4.50
C VAL B 41 4.11 -15.39 -5.95
N CYS B 42 5.05 -14.51 -6.29
CA CYS B 42 5.65 -14.47 -7.62
C CYS B 42 6.89 -15.35 -7.66
N LEU B 43 6.89 -16.25 -8.66
CA LEU B 43 7.97 -17.17 -8.90
C LEU B 43 8.44 -17.02 -10.35
N PRO B 44 9.77 -17.02 -10.62
CA PRO B 44 10.28 -16.87 -11.97
C PRO B 44 9.96 -18.10 -12.81
N ARG B 45 9.66 -17.90 -14.09
CA ARG B 45 9.38 -19.05 -14.98
C ARG B 45 10.62 -19.33 -15.84
N THR B 46 11.67 -18.53 -15.69
CA THR B 46 12.91 -18.74 -16.44
C THR B 46 14.12 -18.41 -15.57
N ALA B 47 15.31 -18.79 -16.03
CA ALA B 47 16.54 -18.44 -15.36
C ALA B 47 16.78 -16.92 -15.46
N ALA B 48 16.22 -16.29 -16.49
CA ALA B 48 16.36 -14.85 -16.72
C ALA B 48 15.65 -14.06 -15.62
N ALA B 49 14.38 -14.45 -15.37
CA ALA B 49 13.49 -13.75 -14.44
C ALA B 49 13.81 -14.06 -12.98
N ALA B 50 14.62 -15.10 -12.75
CA ALA B 50 15.07 -15.47 -11.40
C ALA B 50 16.18 -14.52 -10.98
N ALA B 51 16.99 -14.11 -11.96
CA ALA B 51 18.06 -13.17 -11.75
C ALA B 51 17.53 -11.74 -11.61
N ARG B 52 16.48 -11.40 -12.37
CA ARG B 52 15.94 -10.05 -12.37
C ARG B 52 15.07 -9.79 -11.13
N LEU B 53 14.65 -10.84 -10.40
CA LEU B 53 13.60 -10.71 -9.39
C LEU B 53 13.97 -9.77 -8.24
N PRO B 54 15.23 -9.76 -7.72
CA PRO B 54 15.62 -8.75 -6.73
C PRO B 54 15.33 -7.32 -7.18
N ARG B 55 15.70 -7.01 -8.42
CA ARG B 55 15.51 -5.67 -8.92
C ARG B 55 14.03 -5.34 -9.02
N ARG B 56 13.20 -6.31 -9.47
CA ARG B 56 11.76 -6.13 -9.54
C ARG B 56 11.21 -5.81 -8.15
N ALA B 57 11.75 -6.47 -7.12
CA ALA B 57 11.31 -6.23 -5.75
C ALA B 57 11.59 -4.78 -5.35
N ALA B 58 12.84 -4.34 -5.62
CA ALA B 58 13.30 -3.00 -5.31
C ALA B 58 12.40 -1.95 -5.96
N VAL B 59 11.98 -2.22 -7.21
CA VAL B 59 11.11 -1.33 -7.97
C VAL B 59 9.73 -1.24 -7.33
N MET B 60 9.21 -2.38 -6.86
CA MET B 60 7.88 -2.45 -6.26
C MET B 60 7.85 -1.69 -4.94
N ARG B 61 8.99 -1.69 -4.23
CA ARG B 61 9.11 -0.97 -2.99
C ARG B 61 9.03 0.53 -3.27
N VAL B 62 9.66 0.99 -4.36
CA VAL B 62 9.61 2.40 -4.72
C VAL B 62 8.18 2.80 -5.05
N LEU B 63 7.48 1.96 -5.82
CA LEU B 63 6.12 2.24 -6.22
C LEU B 63 5.20 2.31 -5.00
N ALA B 64 5.49 1.50 -3.97
CA ALA B 64 4.66 1.46 -2.77
C ALA B 64 4.80 2.74 -1.94
N GLY B 65 5.84 3.55 -2.22
CA GLY B 65 6.06 4.82 -1.55
C GLY B 65 5.64 6.06 -2.34
N LEU B 66 4.94 5.87 -3.48
CA LEU B 66 4.45 6.98 -4.27
C LEU B 66 3.00 7.31 -3.86
N ASP B 67 2.63 8.55 -4.23
CA ASP B 67 1.32 9.12 -3.96
C ASP B 67 0.53 9.11 -5.27
N LEU B 68 -0.24 8.02 -5.50
CA LEU B 68 -0.95 7.80 -6.76
C LEU B 68 -2.46 7.82 -6.56
N GLY B 69 -2.90 8.08 -5.32
CA GLY B 69 -4.32 8.02 -4.99
C GLY B 69 -4.90 6.60 -4.91
N CYS B 70 -4.04 5.57 -4.96
CA CYS B 70 -4.55 4.20 -4.89
C CYS B 70 -3.44 3.27 -4.40
N ARG B 71 -3.79 1.97 -4.32
CA ARG B 71 -2.82 0.95 -3.93
C ARG B 71 -2.01 0.44 -5.12
N THR B 72 -0.83 -0.07 -4.77
CA THR B 72 0.00 -0.93 -5.60
C THR B 72 0.38 -2.20 -4.81
N PRO B 73 0.86 -3.27 -5.48
CA PRO B 73 1.30 -4.46 -4.76
C PRO B 73 2.55 -4.17 -3.92
N ARG B 74 2.38 -4.23 -2.60
CA ARG B 74 3.43 -3.94 -1.64
C ARG B 74 4.23 -5.22 -1.37
N PRO B 75 5.58 -5.16 -1.51
CA PRO B 75 6.45 -6.29 -1.18
C PRO B 75 6.34 -6.65 0.29
N LEU B 76 5.99 -7.90 0.59
CA LEU B 76 5.82 -8.34 2.00
C LEU B 76 6.94 -9.29 2.41
N CYS B 77 7.63 -9.89 1.44
CA CYS B 77 8.70 -10.89 1.72
C CYS B 77 9.40 -11.25 0.41
N GLU B 78 10.73 -11.29 0.43
CA GLU B 78 11.48 -11.75 -0.77
C GLU B 78 12.51 -12.79 -0.32
N GLY B 79 12.86 -13.72 -1.19
CA GLY B 79 13.87 -14.75 -0.85
C GLY B 79 14.44 -15.49 -2.03
N SER B 80 15.36 -16.43 -1.77
CA SER B 80 15.98 -17.25 -2.80
C SER B 80 15.68 -18.73 -2.53
N LEU B 87 15.43 -21.12 -5.76
CA LEU B 87 14.29 -20.52 -6.52
C LEU B 87 13.81 -19.26 -5.81
N PRO B 88 14.21 -18.05 -6.25
CA PRO B 88 13.73 -16.82 -5.61
C PRO B 88 12.21 -16.68 -5.66
N PHE B 89 11.65 -16.00 -4.65
CA PHE B 89 10.23 -15.65 -4.60
C PHE B 89 10.08 -14.19 -4.20
N LEU B 90 8.90 -13.63 -4.46
CA LEU B 90 8.55 -12.29 -4.02
C LEU B 90 7.07 -12.36 -3.67
N VAL B 91 6.77 -12.08 -2.39
CA VAL B 91 5.40 -12.00 -1.93
C VAL B 91 4.95 -10.54 -2.00
N LEU B 92 3.80 -10.31 -2.64
CA LEU B 92 3.21 -8.99 -2.81
C LEU B 92 1.79 -8.98 -2.24
N SER B 93 1.37 -7.84 -1.71
CA SER B 93 -0.03 -7.68 -1.34
C SER B 93 -0.88 -7.83 -2.60
N ARG B 94 -2.05 -8.40 -2.39
CA ARG B 94 -3.05 -8.53 -3.42
C ARG B 94 -3.96 -7.31 -3.36
N VAL B 95 -4.02 -6.56 -4.46
CA VAL B 95 -4.90 -5.42 -4.56
C VAL B 95 -6.33 -5.93 -4.76
N PRO B 96 -7.31 -5.56 -3.90
CA PRO B 96 -8.67 -6.05 -4.06
C PRO B 96 -9.42 -5.34 -5.18
N GLY B 97 -10.53 -5.94 -5.59
CA GLY B 97 -11.42 -5.35 -6.56
C GLY B 97 -11.34 -6.09 -7.88
N ALA B 98 -12.01 -5.53 -8.89
CA ALA B 98 -12.11 -6.13 -10.20
C ALA B 98 -12.02 -5.03 -11.25
N PRO B 99 -11.66 -5.39 -12.50
CA PRO B 99 -11.66 -4.44 -13.61
C PRO B 99 -13.05 -3.83 -13.78
N LEU B 100 -13.09 -2.66 -14.41
CA LEU B 100 -14.35 -2.02 -14.75
C LEU B 100 -14.77 -2.42 -16.17
N GLU B 101 -15.98 -3.02 -16.27
CA GLU B 101 -16.63 -3.27 -17.54
C GLU B 101 -16.82 -1.94 -18.26
N ALA B 102 -16.51 -1.88 -19.57
CA ALA B 102 -16.65 -0.66 -20.35
C ALA B 102 -18.08 -0.13 -20.27
N ASP B 103 -19.07 -1.04 -20.21
CA ASP B 103 -20.49 -0.73 -20.14
C ASP B 103 -20.86 0.18 -18.96
N ALA B 104 -20.07 0.14 -17.87
CA ALA B 104 -20.39 0.94 -16.69
C ALA B 104 -20.24 2.42 -17.01
N LEU B 105 -19.45 2.75 -18.05
CA LEU B 105 -19.17 4.12 -18.44
C LEU B 105 -20.34 4.76 -19.20
N GLU B 106 -21.43 3.99 -19.47
CA GLU B 106 -22.66 4.52 -20.05
C GLU B 106 -23.26 5.56 -19.13
N ASP B 107 -23.25 5.26 -17.83
CA ASP B 107 -23.74 6.18 -16.83
C ASP B 107 -22.75 7.35 -16.71
N SER B 108 -23.21 8.58 -16.97
CA SER B 108 -22.30 9.72 -17.05
C SER B 108 -21.74 10.10 -15.67
N LYS B 109 -22.42 9.75 -14.58
CA LYS B 109 -21.89 10.04 -13.25
C LYS B 109 -20.75 9.09 -12.90
N VAL B 110 -20.83 7.84 -13.36
CA VAL B 110 -19.77 6.86 -13.19
C VAL B 110 -18.54 7.28 -13.97
N ALA B 111 -18.76 7.75 -15.21
CA ALA B 111 -17.68 8.10 -16.12
C ALA B 111 -16.88 9.28 -15.56
N GLU B 112 -17.58 10.26 -15.00
CA GLU B 112 -16.94 11.43 -14.41
C GLU B 112 -16.02 11.02 -13.26
N VAL B 113 -16.56 10.18 -12.38
CA VAL B 113 -15.85 9.73 -11.19
C VAL B 113 -14.65 8.85 -11.61
N VAL B 114 -14.85 8.01 -12.61
CA VAL B 114 -13.76 7.13 -13.04
C VAL B 114 -12.65 7.94 -13.73
N ALA B 115 -13.05 8.89 -14.56
CA ALA B 115 -12.09 9.71 -15.26
C ALA B 115 -11.29 10.56 -14.26
N ALA B 116 -11.99 11.05 -13.23
CA ALA B 116 -11.34 11.78 -12.15
C ALA B 116 -10.26 10.94 -11.45
N GLN B 117 -10.54 9.69 -11.14
CA GLN B 117 -9.57 8.84 -10.46
C GLN B 117 -8.43 8.46 -11.41
N TYR B 118 -8.68 8.29 -12.72
CA TYR B 118 -7.59 8.06 -13.66
C TYR B 118 -6.63 9.27 -13.68
N VAL B 119 -7.18 10.49 -13.69
CA VAL B 119 -6.35 11.70 -13.70
C VAL B 119 -5.46 11.76 -12.45
N THR B 120 -6.01 11.42 -11.27
CA THR B 120 -5.22 11.42 -10.05
C THR B 120 -4.00 10.49 -10.16
N LEU B 121 -4.25 9.26 -10.66
CA LEU B 121 -3.21 8.26 -10.87
C LEU B 121 -2.16 8.74 -11.87
N LEU B 122 -2.63 9.27 -12.99
CA LEU B 122 -1.70 9.73 -14.02
C LEU B 122 -0.92 10.95 -13.54
N SER B 123 -1.56 11.84 -12.79
CA SER B 123 -0.82 12.98 -12.22
C SER B 123 0.24 12.50 -11.27
N GLY B 124 -0.12 11.53 -10.42
CA GLY B 124 0.83 10.95 -9.47
C GLY B 124 2.03 10.33 -10.18
N LEU B 125 1.76 9.54 -11.24
CA LEU B 125 2.84 8.96 -12.03
C LEU B 125 3.69 10.05 -12.68
N ALA B 126 3.03 11.09 -13.23
CA ALA B 126 3.76 12.20 -13.85
C ALA B 126 4.69 12.86 -12.83
N SER B 127 4.16 13.24 -11.65
CA SER B 127 4.96 13.93 -10.63
C SER B 127 6.13 13.05 -10.22
N ALA B 128 5.87 11.75 -10.10
CA ALA B 128 6.82 10.82 -9.53
C ALA B 128 8.05 10.73 -10.44
N GLY B 129 7.87 10.97 -11.74
CA GLY B 129 8.95 10.90 -12.70
C GLY B 129 9.94 12.05 -12.55
N ALA B 130 9.58 13.08 -11.78
CA ALA B 130 10.44 14.23 -11.60
C ALA B 130 11.34 14.04 -10.39
N ASP B 131 11.19 12.90 -9.71
CA ASP B 131 11.97 12.60 -8.47
C ASP B 131 13.23 11.81 -8.81
N GLU B 132 14.39 12.44 -8.62
CA GLU B 132 15.68 11.80 -8.97
C GLU B 132 15.76 10.37 -8.43
N LYS B 133 15.31 10.15 -7.20
CA LYS B 133 15.37 8.79 -6.60
C LYS B 133 14.62 7.78 -7.47
N VAL B 134 13.34 8.00 -7.73
CA VAL B 134 12.55 7.11 -8.63
C VAL B 134 13.34 6.93 -9.92
N ARG B 135 13.91 8.02 -10.43
CA ARG B 135 14.60 7.97 -11.71
C ARG B 135 15.75 6.98 -11.58
N ALA B 136 16.38 7.01 -10.41
CA ALA B 136 17.56 6.20 -10.15
C ALA B 136 17.22 4.72 -10.00
N ALA B 137 15.97 4.38 -9.61
CA ALA B 137 15.59 2.99 -9.34
C ALA B 137 14.89 2.33 -10.53
N LEU B 138 14.37 3.13 -11.47
CA LEU B 138 13.48 2.59 -12.48
C LEU B 138 14.17 2.51 -13.85
N PRO B 139 13.82 1.52 -14.68
CA PRO B 139 14.37 1.42 -16.03
C PRO B 139 14.00 2.67 -16.81
N ALA B 140 14.96 3.26 -17.53
CA ALA B 140 14.66 4.36 -18.43
C ALA B 140 15.37 4.07 -19.75
N PRO B 141 14.84 3.18 -20.60
CA PRO B 141 15.54 2.78 -21.81
C PRO B 141 15.57 3.91 -22.85
N GLN B 142 16.67 3.99 -23.58
CA GLN B 142 16.71 4.97 -24.70
C GLN B 142 16.50 4.15 -25.99
N GLY B 143 15.77 4.71 -26.94
CA GLY B 143 15.50 4.01 -28.20
C GLY B 143 14.59 2.82 -28.04
N ARG B 144 13.60 2.93 -27.16
CA ARG B 144 12.67 1.81 -26.90
C ARG B 144 11.88 1.48 -28.18
N TRP B 145 11.69 2.46 -29.06
CA TRP B 145 10.83 2.25 -30.24
C TRP B 145 11.67 1.80 -31.45
N ARG B 146 12.89 2.31 -31.60
CA ARG B 146 13.73 1.84 -32.69
C ARG B 146 14.02 0.35 -32.48
N GLN B 147 14.19 -0.07 -31.23
CA GLN B 147 14.31 -1.49 -30.94
C GLN B 147 13.06 -2.23 -31.42
N PHE B 148 11.88 -1.63 -31.16
CA PHE B 148 10.61 -2.23 -31.52
C PHE B 148 10.52 -2.39 -33.04
N ALA B 149 10.82 -1.29 -33.75
CA ALA B 149 10.67 -1.22 -35.20
C ALA B 149 11.55 -2.28 -35.86
N ALA B 150 12.73 -2.54 -35.29
CA ALA B 150 13.67 -3.50 -35.85
C ALA B 150 13.17 -4.92 -35.61
N ASP B 151 12.55 -5.17 -34.44
CA ASP B 151 12.03 -6.49 -34.15
C ASP B 151 10.85 -6.79 -35.08
N VAL B 152 10.00 -5.78 -35.35
CA VAL B 152 8.83 -5.95 -36.22
C VAL B 152 9.26 -6.31 -37.65
N ARG B 153 10.13 -5.48 -38.25
CA ARG B 153 10.69 -5.75 -39.57
C ARG B 153 11.31 -7.16 -39.62
N ALA B 154 12.10 -7.51 -38.60
CA ALA B 154 12.82 -8.77 -38.61
C ALA B 154 11.83 -9.92 -38.49
N GLU B 155 10.95 -9.85 -37.48
CA GLU B 155 10.17 -11.01 -37.08
C GLU B 155 8.77 -11.01 -37.68
N LEU B 156 8.17 -9.84 -38.00
CA LEU B 156 6.77 -9.82 -38.41
C LEU B 156 6.62 -9.60 -39.92
N PHE B 157 7.44 -8.76 -40.53
CA PHE B 157 7.30 -8.49 -41.95
C PHE B 157 7.24 -9.79 -42.76
N PRO B 158 8.10 -10.80 -42.50
CA PRO B 158 8.04 -12.07 -43.23
C PRO B 158 6.69 -12.76 -43.14
N LEU B 159 5.86 -12.37 -42.14
CA LEU B 159 4.54 -12.97 -41.96
C LEU B 159 3.44 -12.15 -42.63
N MET B 160 3.81 -11.05 -43.30
CA MET B 160 2.82 -10.05 -43.71
C MET B 160 2.68 -9.98 -45.23
N SER B 161 1.49 -9.59 -45.69
CA SER B 161 1.30 -9.22 -47.08
C SER B 161 2.12 -7.97 -47.42
N ASP B 162 2.25 -7.68 -48.71
CA ASP B 162 2.97 -6.52 -49.22
C ASP B 162 2.33 -5.22 -48.72
N GLY B 163 1.01 -5.14 -48.75
CA GLY B 163 0.29 -3.98 -48.21
C GLY B 163 0.36 -3.91 -46.68
N GLY B 164 0.29 -5.07 -46.01
CA GLY B 164 0.57 -5.13 -44.58
C GLY B 164 1.90 -4.46 -44.27
N CYS B 165 2.98 -4.91 -44.93
CA CYS B 165 4.30 -4.35 -44.73
C CYS B 165 4.30 -2.84 -45.01
N ARG B 166 3.55 -2.42 -46.04
CA ARG B 166 3.50 -1.00 -46.37
C ARG B 166 2.83 -0.21 -45.25
N GLN B 167 1.77 -0.76 -44.67
CA GLN B 167 1.03 -0.06 -43.64
C GLN B 167 1.84 0.00 -42.35
N ALA B 168 2.39 -1.17 -41.97
CA ALA B 168 3.26 -1.26 -40.82
C ALA B 168 4.43 -0.29 -40.95
N GLU B 169 4.98 -0.14 -42.17
CA GLU B 169 6.13 0.73 -42.40
C GLU B 169 5.76 2.19 -42.09
N ARG B 170 4.52 2.58 -42.44
CA ARG B 170 3.98 3.91 -42.19
C ARG B 170 3.81 4.16 -40.70
N GLU B 171 3.34 3.13 -39.97
CA GLU B 171 3.13 3.21 -38.53
C GLU B 171 4.47 3.32 -37.81
N LEU B 172 5.51 2.62 -38.30
CA LEU B 172 6.83 2.63 -37.69
C LEU B 172 7.54 3.96 -37.98
N ALA B 173 7.18 4.58 -39.11
CA ALA B 173 7.77 5.86 -39.49
C ALA B 173 7.30 6.92 -38.50
N ALA B 174 5.97 7.09 -38.42
CA ALA B 174 5.36 7.96 -37.44
C ALA B 174 6.07 7.81 -36.10
N LEU B 175 6.23 6.54 -35.69
CA LEU B 175 6.80 6.17 -34.41
C LEU B 175 8.23 6.65 -34.26
N ASP B 176 9.02 6.56 -35.33
CA ASP B 176 10.42 7.04 -35.27
C ASP B 176 10.45 8.57 -35.16
N SER B 177 9.32 9.24 -35.35
CA SER B 177 9.29 10.73 -35.33
C SER B 177 8.85 11.26 -33.96
N LEU B 178 8.66 10.37 -32.98
CA LEU B 178 8.18 10.79 -31.65
C LEU B 178 9.38 11.27 -30.82
N PRO B 179 9.19 12.24 -29.90
CA PRO B 179 10.28 12.65 -29.01
C PRO B 179 10.60 11.59 -27.93
N ASP B 180 11.89 11.34 -27.64
CA ASP B 180 12.21 10.32 -26.65
C ASP B 180 12.08 10.95 -25.27
N ILE B 181 10.82 11.17 -24.86
CA ILE B 181 10.43 11.83 -23.62
C ILE B 181 10.63 10.87 -22.46
N THR B 182 11.32 11.30 -21.39
CA THR B 182 11.38 10.54 -20.16
C THR B 182 11.02 11.44 -18.97
N GLU B 183 9.72 11.81 -18.89
CA GLU B 183 9.18 12.73 -17.89
C GLU B 183 8.47 12.03 -16.73
N ALA B 184 7.69 10.99 -17.07
CA ALA B 184 6.76 10.38 -16.14
C ALA B 184 7.17 8.95 -15.81
N VAL B 185 6.65 8.44 -14.69
CA VAL B 185 6.57 7.01 -14.50
C VAL B 185 5.44 6.53 -15.38
N VAL B 186 5.77 5.58 -16.27
CA VAL B 186 4.84 5.04 -17.24
C VAL B 186 4.67 3.56 -16.91
N HIS B 187 3.43 3.19 -16.57
CA HIS B 187 3.05 1.82 -16.28
C HIS B 187 3.41 0.91 -17.46
N GLY B 188 3.09 1.33 -18.68
CA GLY B 188 3.53 0.59 -19.87
C GLY B 188 2.51 -0.38 -20.44
N ASN B 189 1.45 -0.69 -19.67
CA ASN B 189 0.46 -1.67 -20.08
C ASN B 189 -0.82 -1.44 -19.30
N LEU B 190 -1.27 -0.18 -19.28
CA LEU B 190 -2.33 0.24 -18.38
C LEU B 190 -3.68 -0.14 -18.98
N GLY B 191 -3.87 -1.44 -19.23
CA GLY B 191 -5.14 -1.92 -19.76
C GLY B 191 -6.14 -2.07 -18.65
N ALA B 192 -7.42 -2.23 -19.02
CA ALA B 192 -8.54 -2.34 -18.08
C ALA B 192 -8.30 -3.43 -17.03
N GLU B 193 -7.68 -4.54 -17.42
CA GLU B 193 -7.58 -5.69 -16.52
C GLU B 193 -6.53 -5.41 -15.44
N ASN B 194 -5.74 -4.32 -15.60
CA ASN B 194 -4.67 -4.00 -14.67
C ASN B 194 -5.10 -2.89 -13.70
N VAL B 195 -6.38 -2.47 -13.79
CA VAL B 195 -6.91 -1.41 -12.95
C VAL B 195 -8.14 -1.98 -12.24
N LEU B 196 -8.06 -2.08 -10.91
CA LEU B 196 -9.07 -2.76 -10.12
C LEU B 196 -9.89 -1.72 -9.36
N TRP B 197 -11.20 -1.98 -9.19
CA TRP B 197 -12.14 -1.06 -8.57
C TRP B 197 -12.92 -1.73 -7.44
N VAL B 198 -13.32 -0.92 -6.47
CA VAL B 198 -14.34 -1.29 -5.49
C VAL B 198 -15.69 -0.80 -6.01
N ARG B 199 -16.63 -1.73 -6.12
CA ARG B 199 -17.94 -1.43 -6.65
C ARG B 199 -18.96 -1.83 -5.58
N ASP B 200 -20.23 -1.54 -5.82
CA ASP B 200 -21.32 -1.99 -4.97
C ASP B 200 -21.29 -1.27 -3.62
N ASP B 201 -20.44 -0.25 -3.51
CA ASP B 201 -20.45 0.65 -2.37
C ASP B 201 -20.48 2.07 -2.90
N GLY B 202 -21.67 2.49 -3.34
CA GLY B 202 -21.79 3.67 -4.16
C GLY B 202 -21.07 3.47 -5.50
N LEU B 203 -20.61 4.59 -6.04
CA LEU B 203 -19.97 4.64 -7.34
C LEU B 203 -18.59 4.00 -7.22
N PRO B 204 -17.99 3.58 -8.35
CA PRO B 204 -16.69 2.90 -8.35
C PRO B 204 -15.56 3.75 -7.80
N ARG B 205 -14.77 3.11 -6.94
CA ARG B 205 -13.58 3.78 -6.38
C ARG B 205 -12.35 2.97 -6.83
N LEU B 206 -11.35 3.66 -7.34
CA LEU B 206 -10.12 3.02 -7.80
C LEU B 206 -9.45 2.32 -6.62
N SER B 207 -9.38 0.99 -6.67
CA SER B 207 -8.73 0.26 -5.59
C SER B 207 -7.21 0.30 -5.79
N GLY B 208 -6.74 -0.14 -6.95
CA GLY B 208 -5.31 -0.06 -7.21
C GLY B 208 -4.95 -0.60 -8.59
N VAL B 209 -3.64 -0.64 -8.81
CA VAL B 209 -3.11 -0.97 -10.12
C VAL B 209 -2.09 -2.07 -9.91
N ILE B 210 -2.10 -3.03 -10.83
CA ILE B 210 -1.20 -4.21 -10.74
C ILE B 210 -0.41 -4.38 -12.05
N ASP B 211 0.41 -5.42 -12.14
CA ASP B 211 1.20 -5.76 -13.36
C ASP B 211 2.14 -4.60 -13.73
N TRP B 212 3.20 -4.43 -12.94
CA TRP B 212 4.14 -3.30 -13.14
C TRP B 212 5.41 -3.76 -13.85
N ASP B 213 5.40 -4.95 -14.44
CA ASP B 213 6.59 -5.46 -15.11
C ASP B 213 7.02 -4.59 -16.29
N GLU B 214 6.13 -3.77 -16.85
CA GLU B 214 6.50 -2.98 -18.03
C GLU B 214 6.92 -1.58 -17.63
N VAL B 215 7.07 -1.31 -16.33
CA VAL B 215 7.14 0.06 -15.84
C VAL B 215 8.48 0.67 -16.23
N SER B 216 8.48 1.98 -16.44
CA SER B 216 9.66 2.69 -16.89
C SER B 216 9.46 4.16 -16.62
N ILE B 217 10.54 4.95 -16.74
CA ILE B 217 10.46 6.38 -16.96
C ILE B 217 10.34 6.54 -18.47
N GLY B 218 9.33 7.32 -18.89
CA GLY B 218 8.96 7.36 -20.28
C GLY B 218 8.00 8.49 -20.59
N ASP B 219 7.23 8.26 -21.66
CA ASP B 219 6.27 9.21 -22.15
C ASP B 219 4.88 8.77 -21.67
N PRO B 220 4.15 9.62 -20.93
CA PRO B 220 2.82 9.24 -20.42
C PRO B 220 1.76 8.99 -21.50
N ALA B 221 1.97 9.52 -22.71
CA ALA B 221 1.11 9.24 -23.85
C ALA B 221 0.88 7.73 -24.01
N GLU B 222 1.87 6.91 -23.62
CA GLU B 222 1.76 5.45 -23.68
C GLU B 222 0.63 4.93 -22.79
N ASP B 223 0.53 5.46 -21.54
CA ASP B 223 -0.54 5.08 -20.63
C ASP B 223 -1.90 5.62 -21.07
N LEU B 224 -1.94 6.83 -21.61
CA LEU B 224 -3.19 7.40 -22.12
C LEU B 224 -3.69 6.63 -23.33
N ALA B 225 -2.78 6.25 -24.20
CA ALA B 225 -3.16 5.42 -25.36
C ALA B 225 -3.79 4.11 -24.90
N ALA B 226 -3.24 3.51 -23.84
CA ALA B 226 -3.75 2.22 -23.35
C ALA B 226 -5.17 2.35 -22.80
N ILE B 227 -5.43 3.49 -22.15
CA ILE B 227 -6.74 3.79 -21.60
C ILE B 227 -7.77 3.89 -22.72
N GLY B 228 -7.42 4.65 -23.78
CA GLY B 228 -8.28 4.82 -24.94
C GLY B 228 -8.52 3.51 -25.70
N ALA B 229 -7.50 2.65 -25.79
CA ALA B 229 -7.65 1.32 -26.39
C ALA B 229 -8.64 0.46 -25.60
N GLY B 230 -8.68 0.60 -24.27
CA GLY B 230 -9.58 -0.20 -23.48
C GLY B 230 -10.99 0.36 -23.42
N TYR B 231 -11.14 1.69 -23.46
CA TYR B 231 -12.39 2.32 -23.08
C TYR B 231 -12.96 3.22 -24.17
N GLY B 232 -12.17 3.53 -25.21
CA GLY B 232 -12.65 4.29 -26.36
C GLY B 232 -12.34 5.79 -26.27
N LYS B 233 -12.72 6.53 -27.32
CA LYS B 233 -12.27 7.90 -27.55
C LYS B 233 -13.04 8.92 -26.73
N ASP B 234 -14.34 8.74 -26.52
CA ASP B 234 -15.08 9.69 -25.71
C ASP B 234 -14.49 9.69 -24.30
N PHE B 235 -14.28 8.48 -23.74
CA PHE B 235 -13.73 8.36 -22.40
C PHE B 235 -12.32 8.93 -22.33
N LEU B 236 -11.47 8.64 -23.32
CA LEU B 236 -10.11 9.17 -23.23
C LEU B 236 -10.16 10.71 -23.36
N ASP B 237 -11.05 11.25 -24.20
CA ASP B 237 -11.20 12.70 -24.32
C ASP B 237 -11.58 13.29 -22.97
N GLN B 238 -12.43 12.58 -22.23
CA GLN B 238 -12.81 13.05 -20.92
C GLN B 238 -11.59 13.13 -20.00
N VAL B 239 -10.77 12.08 -19.98
CA VAL B 239 -9.57 12.05 -19.16
C VAL B 239 -8.61 13.16 -19.58
N LEU B 240 -8.41 13.32 -20.89
CA LEU B 240 -7.45 14.29 -21.39
C LEU B 240 -7.88 15.72 -21.03
N THR B 241 -9.19 15.97 -21.04
CA THR B 241 -9.75 17.29 -20.77
C THR B 241 -9.69 17.59 -19.27
N LEU B 242 -10.11 16.64 -18.42
CA LEU B 242 -10.00 16.77 -16.97
C LEU B 242 -8.57 16.99 -16.49
N GLY B 243 -7.59 16.34 -17.12
CA GLY B 243 -6.20 16.43 -16.68
C GLY B 243 -5.39 17.49 -17.40
N GLY B 244 -6.02 18.19 -18.34
CA GLY B 244 -5.36 19.29 -19.08
C GLY B 244 -4.33 18.78 -20.06
N TRP B 245 -4.60 17.64 -20.71
CA TRP B 245 -3.63 16.98 -21.57
C TRP B 245 -4.12 16.92 -23.03
N SER B 246 -5.07 17.79 -23.40
CA SER B 246 -5.72 17.69 -24.70
C SER B 246 -5.11 18.68 -25.71
N ASP B 247 -3.81 18.94 -25.65
CA ASP B 247 -3.10 19.62 -26.72
C ASP B 247 -2.85 18.66 -27.91
N ARG B 248 -2.54 19.23 -29.09
CA ARG B 248 -2.50 18.41 -30.31
C ARG B 248 -1.20 17.61 -30.33
N ARG B 249 -0.10 18.14 -29.77
CA ARG B 249 1.16 17.41 -29.64
C ARG B 249 0.99 16.11 -28.83
N MET B 250 0.18 16.17 -27.77
CA MET B 250 -0.14 15.00 -26.98
C MET B 250 -0.99 14.05 -27.83
N ALA B 251 -1.97 14.59 -28.56
CA ALA B 251 -2.86 13.78 -29.40
C ALA B 251 -2.08 13.02 -30.47
N THR B 252 -1.01 13.63 -31.00
CA THR B 252 -0.15 13.00 -31.98
C THR B 252 0.58 11.83 -31.36
N ARG B 253 1.21 12.08 -30.20
CA ARG B 253 1.95 11.03 -29.53
C ARG B 253 1.00 9.86 -29.19
N ILE B 254 -0.19 10.14 -28.66
CA ILE B 254 -1.15 9.11 -28.33
C ILE B 254 -1.50 8.31 -29.59
N ALA B 255 -1.89 8.96 -30.69
CA ALA B 255 -2.26 8.27 -31.93
C ALA B 255 -1.13 7.39 -32.46
N THR B 256 0.08 7.94 -32.50
CA THR B 256 1.25 7.23 -32.99
C THR B 256 1.46 5.93 -32.20
N ILE B 257 1.39 6.04 -30.86
CA ILE B 257 1.67 4.90 -29.99
C ILE B 257 0.56 3.87 -30.12
N ARG B 258 -0.69 4.33 -30.09
CA ARG B 258 -1.84 3.40 -30.13
C ARG B 258 -1.80 2.55 -31.40
N ALA B 259 -1.37 3.14 -32.52
CA ALA B 259 -1.41 2.42 -33.78
C ALA B 259 -0.36 1.29 -33.81
N THR B 260 0.47 1.20 -32.76
CA THR B 260 1.43 0.11 -32.61
C THR B 260 0.86 -1.05 -31.79
N PHE B 261 -0.39 -0.97 -31.32
CA PHE B 261 -0.82 -1.91 -30.31
C PHE B 261 -1.05 -3.30 -30.93
N ALA B 262 -1.53 -3.35 -32.16
CA ALA B 262 -1.77 -4.62 -32.83
C ALA B 262 -0.44 -5.31 -33.06
N LEU B 263 0.58 -4.55 -33.48
CA LEU B 263 1.88 -5.10 -33.80
C LEU B 263 2.64 -5.55 -32.56
N GLN B 264 2.51 -4.81 -31.44
CA GLN B 264 3.09 -5.24 -30.16
C GLN B 264 2.51 -6.58 -29.74
N GLN B 265 1.19 -6.75 -29.87
CA GLN B 265 0.56 -8.01 -29.52
C GLN B 265 1.10 -9.13 -30.41
N ALA B 266 1.26 -8.84 -31.71
CA ALA B 266 1.72 -9.84 -32.65
C ALA B 266 3.18 -10.19 -32.37
N LEU B 267 3.98 -9.21 -31.97
CA LEU B 267 5.39 -9.44 -31.70
C LEU B 267 5.56 -10.35 -30.48
N SER B 268 4.71 -10.13 -29.46
CA SER B 268 4.69 -10.97 -28.28
C SER B 268 4.24 -12.40 -28.59
N ALA B 269 3.17 -12.54 -29.38
CA ALA B 269 2.55 -13.83 -29.68
C ALA B 269 3.45 -14.66 -30.60
N CYS B 270 4.24 -13.97 -31.43
CA CYS B 270 5.31 -14.55 -32.22
C CYS B 270 6.33 -15.23 -31.31
N ARG B 271 6.88 -14.48 -30.36
CA ARG B 271 7.89 -15.03 -29.44
C ARG B 271 7.28 -16.07 -28.50
N ASP B 272 5.98 -15.97 -28.20
CA ASP B 272 5.26 -16.88 -27.32
C ASP B 272 4.99 -18.25 -27.93
N GLY B 273 4.72 -18.25 -29.23
CA GLY B 273 4.19 -19.50 -29.80
C GLY B 273 2.68 -19.44 -29.67
N ASP B 274 2.14 -18.30 -29.19
CA ASP B 274 0.67 -18.11 -29.11
C ASP B 274 0.13 -17.84 -30.51
N GLU B 275 -0.61 -18.78 -31.08
CA GLU B 275 -1.07 -18.65 -32.48
C GLU B 275 -2.32 -17.77 -32.59
N GLU B 276 -3.18 -17.78 -31.58
CA GLU B 276 -4.45 -17.01 -31.63
C GLU B 276 -4.16 -15.52 -31.47
N GLU B 277 -3.26 -15.17 -30.57
CA GLU B 277 -2.86 -13.77 -30.39
C GLU B 277 -2.14 -13.27 -31.64
N LEU B 278 -1.30 -14.11 -32.23
CA LEU B 278 -0.56 -13.70 -33.43
C LEU B 278 -1.52 -13.42 -34.58
N ALA B 279 -2.50 -14.32 -34.77
CA ALA B 279 -3.51 -14.15 -35.80
C ALA B 279 -4.30 -12.88 -35.56
N ASP B 280 -4.73 -12.66 -34.33
CA ASP B 280 -5.52 -11.48 -34.00
C ASP B 280 -4.68 -10.21 -34.22
N GLY B 281 -3.41 -10.25 -33.79
CA GLY B 281 -2.52 -9.12 -33.93
C GLY B 281 -2.30 -8.74 -35.39
N LEU B 282 -2.26 -9.76 -36.27
CA LEU B 282 -1.86 -9.55 -37.65
C LEU B 282 -3.07 -9.29 -38.52
N THR B 283 -4.29 -9.33 -37.97
CA THR B 283 -5.48 -9.00 -38.73
C THR B 283 -5.29 -7.71 -39.51
N GLY B 284 -5.50 -7.75 -40.83
CA GLY B 284 -5.36 -6.58 -41.69
C GLY B 284 -3.92 -6.31 -42.17
N TYR B 285 -2.92 -6.98 -41.58
CA TYR B 285 -1.53 -6.89 -42.05
C TYR B 285 -1.20 -8.09 -42.94
N ARG B 286 -2.19 -8.94 -43.17
CA ARG B 286 -2.06 -10.06 -44.07
C ARG B 286 -3.46 -10.53 -44.45
C KBE C 1 3.42 -3.36 -23.36
N KBE C 1 4.89 -0.69 -22.87
O KBE C 1 3.04 -4.11 -22.45
CA KBE C 1 4.91 -3.08 -23.52
CB KBE C 1 5.22 -1.64 -23.96
CD KBE C 1 6.92 -0.87 -25.74
CE KBE C 1 8.33 -1.15 -26.22
CG KBE C 1 6.68 -1.45 -24.36
NZ KBE C 1 9.34 -0.80 -25.17
N DPP C 2 2.58 -2.94 -24.42
CA DPP C 2 1.12 -3.18 -24.45
C DPP C 2 0.86 -4.66 -24.73
O DPP C 2 1.28 -5.20 -25.76
CB DPP C 2 0.48 -2.34 -25.54
NG DPP C 2 -0.93 -2.60 -25.72
N SER C 3 0.09 -5.32 -23.88
CA SER C 3 -0.33 -6.66 -24.21
C SER C 3 -1.77 -6.61 -24.71
N SER C 4 -2.09 -7.60 -25.55
CA SER C 4 -3.44 -7.89 -25.97
C SER C 4 -4.15 -6.62 -26.41
C UAL C 5 -4.10 -3.29 -26.85
N UAL C 5 -3.52 -5.53 -26.96
O UAL C 5 -4.33 -2.19 -27.38
C1 UAL C 5 -5.09 -5.51 -31.16
N1 UAL C 5 -4.62 -5.50 -29.84
N2 UAL C 5 -5.12 -6.71 -31.76
O2 UAL C 5 -5.45 -4.46 -31.71
CA UAL C 5 -4.08 -4.43 -27.66
CB UAL C 5 -4.52 -4.38 -28.99
C 5OH C 6 -1.59 -1.93 -24.64
N 5OH C 6 -3.31 -3.38 -25.67
O 5OH C 6 -1.28 -1.01 -23.87
CA 5OH C 6 -3.08 -2.09 -24.94
CB 5OH C 6 -3.90 -2.01 -23.65
NP 5OH C 6 -3.37 -3.00 -22.71
CQ 5OH C 6 -4.06 -4.00 -22.20
NQ 5OH C 6 -3.51 -4.69 -21.21
CR 5OH C 6 -5.40 -2.17 -23.83
NR 5OH C 6 -5.27 -4.32 -22.57
CS 5OH C 6 -5.81 -3.63 -23.75
OS 5OH C 6 -7.16 -3.70 -23.68
C1 PEG D . 4.65 7.48 25.28
O1 PEG D . 5.59 8.49 25.58
C2 PEG D . 3.51 7.48 26.27
O2 PEG D . 2.27 7.21 25.64
C3 PEG D . 1.29 8.25 25.72
C4 PEG D . -0.04 7.71 26.22
O4 PEG D . -1.19 8.26 25.59
PG ATP E . 4.28 -9.50 -17.22
O1G ATP E . 5.83 -9.66 -17.26
O2G ATP E . 3.85 -8.04 -17.46
O3G ATP E . 3.55 -10.46 -18.14
PB ATP E . 3.73 -11.26 -14.81
O1B ATP E . 4.19 -12.41 -15.65
O2B ATP E . 4.45 -10.98 -13.52
O3B ATP E . 3.80 -9.92 -15.72
PA ATP E . 1.02 -10.46 -13.77
O1A ATP E . 0.05 -9.93 -14.78
O2A ATP E . 1.67 -9.44 -12.89
O3A ATP E . 2.15 -11.37 -14.48
O5' ATP E . 0.28 -11.55 -12.86
C5' ATP E . -0.64 -12.50 -13.48
C4' ATP E . -2.02 -12.29 -12.92
O4' ATP E . -1.99 -12.43 -11.47
C3' ATP E . -2.65 -10.91 -13.15
O3' ATP E . -3.24 -10.88 -14.44
C2' ATP E . -3.68 -10.88 -12.01
O2' ATP E . -4.84 -11.65 -12.24
C1' ATP E . -2.88 -11.52 -10.87
N9 ATP E . -2.11 -10.60 -10.04
C8 ATP E . -0.75 -10.33 -10.11
N7 ATP E . -0.37 -9.48 -9.18
C5 ATP E . -1.52 -9.20 -8.45
C6 ATP E . -1.77 -8.37 -7.33
N6 ATP E . -0.83 -7.66 -6.72
N1 ATP E . -3.06 -8.31 -6.87
C2 ATP E . -4.01 -9.04 -7.49
N3 ATP E . -3.87 -9.86 -8.54
C4 ATP E . -2.60 -9.90 -8.97
#